data_2BOO
#
_entry.id   2BOO
#
_cell.length_a   63.500
_cell.length_b   85.100
_cell.length_c   85.900
_cell.angle_alpha   90.00
_cell.angle_beta   90.00
_cell.angle_gamma   90.00
#
_symmetry.space_group_name_H-M   'P 21 21 2'
#
loop_
_entity.id
_entity.type
_entity.pdbx_description
1 polymer 'URACIL-DNA GLYCOSYLASE'
2 non-polymer 'NITRATE ION'
3 water water
#
_entity_poly.entity_id   1
_entity_poly.type   'polypeptide(L)'
_entity_poly.pdbx_seq_one_letter_code
;MTDQPDLFGLAPDAPRPIIPANLPEDWQEALLPEFSAPYFHELTDFLRQERKEYTIYPPAPDVFNALRYTPLGEVKVLIL
GQDPYHGPNQAHGLSFSVRPGVRVPPSLRNIYKELTEDIPGFVAPKHGYLRSWAEQGVLLLNAVLTVRAGQANSHQGKGW
EHFTDAVIKAVNAKEERVVFILWGSYARKKKKLITGKNHVVIESGHPSPLSEQYFFGTRPFSKTNEALEKAGRGPVEWQL
PATVTEE
;
_entity_poly.pdbx_strand_id   A
#
loop_
_chem_comp.id
_chem_comp.type
_chem_comp.name
_chem_comp.formula
NO3 non-polymer 'NITRATE ION' 'N O3 -1'
#
# COMPACT_ATOMS: atom_id res chain seq x y z
N PRO A 17 19.36 -0.05 -15.45
CA PRO A 17 18.67 0.98 -14.70
C PRO A 17 17.20 1.22 -15.05
N ILE A 18 16.80 1.17 -16.32
CA ILE A 18 15.48 1.70 -16.70
C ILE A 18 14.31 1.02 -15.99
N ILE A 19 14.22 -0.30 -16.10
CA ILE A 19 13.28 -1.09 -15.29
C ILE A 19 13.98 -1.45 -13.96
N PRO A 20 13.36 -1.16 -12.78
CA PRO A 20 13.97 -1.56 -11.50
C PRO A 20 14.19 -3.07 -11.38
N ALA A 21 15.02 -3.45 -10.41
CA ALA A 21 15.56 -4.78 -10.29
C ALA A 21 14.66 -5.97 -10.36
N ASN A 22 14.28 -6.55 -9.24
CA ASN A 22 13.52 -7.79 -9.22
C ASN A 22 12.01 -7.54 -9.27
N LEU A 23 11.50 -7.13 -10.43
CA LEU A 23 10.07 -6.80 -10.57
C LEU A 23 9.31 -7.86 -11.37
N PRO A 24 8.10 -8.25 -10.91
CA PRO A 24 7.32 -9.17 -11.73
C PRO A 24 7.08 -8.67 -13.15
N GLU A 25 6.80 -9.62 -14.03
CA GLU A 25 6.71 -9.39 -15.46
C GLU A 25 5.42 -8.65 -15.85
N ASP A 26 4.29 -8.92 -15.21
CA ASP A 26 3.09 -8.13 -15.49
C ASP A 26 3.27 -6.64 -15.16
N TRP A 27 4.01 -6.29 -14.10
CA TRP A 27 4.20 -4.85 -13.75
C TRP A 27 5.16 -4.17 -14.77
N GLN A 28 6.16 -4.91 -15.27
CA GLN A 28 6.94 -4.44 -16.43
C GLN A 28 6.04 -4.13 -17.67
N GLU A 29 5.18 -5.05 -18.03
CA GLU A 29 4.29 -4.75 -19.14
C GLU A 29 3.61 -3.43 -18.88
N ALA A 30 2.99 -3.34 -17.70
CA ALA A 30 2.12 -2.26 -17.33
C ALA A 30 2.80 -0.91 -17.19
N LEU A 31 4.03 -0.90 -16.66
CA LEU A 31 4.66 0.29 -16.15
C LEU A 31 5.94 0.67 -16.88
N LEU A 32 6.36 -0.12 -17.88
CA LEU A 32 7.33 0.36 -18.86
C LEU A 32 7.05 1.81 -19.38
N PRO A 33 5.81 2.13 -19.76
CA PRO A 33 5.50 3.51 -20.17
C PRO A 33 5.90 4.59 -19.14
N GLU A 34 5.88 4.20 -17.85
CA GLU A 34 6.17 5.08 -16.73
C GLU A 34 7.67 5.13 -16.51
N PHE A 35 8.31 3.98 -16.50
CA PHE A 35 9.72 3.85 -16.23
C PHE A 35 10.63 4.55 -17.26
N SER A 36 10.17 4.59 -18.50
CA SER A 36 10.93 5.18 -19.61
C SER A 36 10.53 6.62 -19.88
N ALA A 37 9.54 7.14 -19.15
CA ALA A 37 9.05 8.52 -19.28
C ALA A 37 9.98 9.51 -18.62
N PRO A 38 10.07 10.72 -19.21
CA PRO A 38 10.82 11.82 -18.62
C PRO A 38 10.62 12.14 -17.12
N TYR A 39 9.39 12.17 -16.65
CA TYR A 39 9.14 12.54 -15.26
C TYR A 39 9.79 11.54 -14.33
N PHE A 40 9.87 10.28 -14.76
CA PHE A 40 10.46 9.20 -13.94
C PHE A 40 11.98 9.30 -13.87
N HIS A 41 12.62 9.59 -14.99
CA HIS A 41 14.10 9.86 -14.97
C HIS A 41 14.43 11.04 -14.07
N GLU A 42 13.64 12.10 -14.10
CA GLU A 42 13.90 13.28 -13.24
C GLU A 42 13.67 12.92 -11.77
N LEU A 43 12.68 12.07 -11.51
CA LEU A 43 12.42 11.61 -10.15
C LEU A 43 13.61 10.81 -9.63
N THR A 44 14.12 9.88 -10.41
CA THR A 44 15.24 9.09 -9.90
C THR A 44 16.51 9.94 -9.76
N ASP A 45 16.69 10.95 -10.60
CA ASP A 45 17.85 11.85 -10.43
C ASP A 45 17.70 12.61 -9.12
N PHE A 46 16.50 13.12 -8.90
CA PHE A 46 16.15 13.78 -7.64
C PHE A 46 16.57 12.91 -6.43
N LEU A 47 16.20 11.62 -6.50
CA LEU A 47 16.43 10.67 -5.39
C LEU A 47 17.91 10.37 -5.17
N ARG A 48 18.63 10.11 -6.25
CA ARG A 48 20.09 10.02 -6.20
C ARG A 48 20.68 11.16 -5.37
N GLN A 49 20.26 12.38 -5.72
CA GLN A 49 20.74 13.60 -5.08
C GLN A 49 20.25 13.73 -3.63
N GLU A 50 18.98 13.39 -3.40
CA GLU A 50 18.43 13.45 -2.03
C GLU A 50 19.17 12.50 -1.11
N ARG A 51 19.56 11.33 -1.63
CA ARG A 51 20.20 10.30 -0.78
C ARG A 51 21.63 10.66 -0.36
N LYS A 52 22.29 11.57 -1.06
CA LYS A 52 23.63 12.02 -0.60
C LYS A 52 23.59 13.21 0.37
N GLU A 53 22.45 13.89 0.50
CA GLU A 53 22.28 14.97 1.48
C GLU A 53 21.47 14.57 2.69
N TYR A 54 20.61 13.57 2.54
CA TYR A 54 19.68 13.17 3.59
C TYR A 54 19.65 11.64 3.73
N THR A 55 19.10 11.17 4.84
CA THR A 55 18.71 9.77 4.96
C THR A 55 17.29 9.76 4.43
N ILE A 56 17.04 8.89 3.45
CA ILE A 56 15.73 8.73 2.80
C ILE A 56 15.12 7.38 3.15
N TYR A 57 13.82 7.33 3.46
CA TYR A 57 13.22 6.08 3.74
C TYR A 57 12.16 5.73 2.63
N PRO A 58 12.00 4.42 2.30
CA PRO A 58 12.80 3.27 2.76
C PRO A 58 14.14 3.21 2.03
N PRO A 59 14.98 2.22 2.35
CA PRO A 59 16.19 1.98 1.54
C PRO A 59 15.82 1.78 0.08
N ALA A 60 16.76 2.17 -0.79
CA ALA A 60 16.57 2.10 -2.24
C ALA A 60 16.05 0.74 -2.75
N PRO A 61 16.61 -0.38 -2.24
CA PRO A 61 16.18 -1.71 -2.71
C PRO A 61 14.78 -2.13 -2.32
N ASP A 62 14.17 -1.39 -1.40
CA ASP A 62 12.80 -1.72 -0.91
C ASP A 62 11.69 -0.88 -1.50
N VAL A 63 12.03 0.18 -2.22
CA VAL A 63 11.07 1.21 -2.67
C VAL A 63 9.89 0.64 -3.40
N PHE A 64 10.15 -0.42 -4.17
CA PHE A 64 9.08 -1.06 -4.95
C PHE A 64 8.62 -2.41 -4.38
N ASN A 65 8.79 -2.65 -3.08
CA ASN A 65 8.52 -3.97 -2.51
C ASN A 65 7.01 -4.27 -2.68
N ALA A 66 6.17 -3.25 -2.73
CA ALA A 66 4.69 -3.59 -2.87
C ALA A 66 4.43 -4.34 -4.16
N LEU A 67 5.14 -3.95 -5.21
CA LEU A 67 4.96 -4.51 -6.51
C LEU A 67 5.65 -5.87 -6.57
N ARG A 68 6.71 -6.04 -5.81
CA ARG A 68 7.39 -7.33 -5.83
C ARG A 68 6.52 -8.38 -5.24
N TYR A 69 5.92 -8.11 -4.07
CA TYR A 69 5.22 -9.16 -3.31
C TYR A 69 3.86 -9.44 -3.90
N THR A 70 3.36 -8.49 -4.68
CA THR A 70 1.97 -8.58 -5.21
C THR A 70 2.01 -8.27 -6.70
N PRO A 71 2.25 -9.27 -7.55
CA PRO A 71 2.21 -9.05 -8.98
C PRO A 71 0.80 -8.65 -9.44
N LEU A 72 0.76 -7.86 -10.51
CA LEU A 72 -0.48 -7.25 -10.97
C LEU A 72 -1.56 -8.30 -11.10
N GLY A 73 -1.20 -9.48 -11.62
CA GLY A 73 -2.18 -10.55 -11.82
C GLY A 73 -2.71 -11.19 -10.53
N GLU A 74 -2.05 -10.93 -9.39
CA GLU A 74 -2.46 -11.45 -8.09
C GLU A 74 -3.17 -10.41 -7.19
N VAL A 75 -3.30 -9.18 -7.66
CA VAL A 75 -3.97 -8.10 -6.90
C VAL A 75 -5.50 -8.37 -6.77
N LYS A 76 -5.93 -8.47 -5.52
CA LYS A 76 -7.34 -8.64 -5.13
C LYS A 76 -7.87 -7.37 -4.40
N VAL A 77 -6.97 -6.73 -3.68
CA VAL A 77 -7.25 -5.60 -2.80
C VAL A 77 -6.15 -4.61 -2.96
N LEU A 78 -6.52 -3.33 -3.00
CA LEU A 78 -5.57 -2.23 -2.98
C LEU A 78 -5.86 -1.29 -1.76
N ILE A 79 -4.87 -1.28 -0.86
CA ILE A 79 -4.96 -0.45 0.33
C ILE A 79 -3.91 0.68 0.25
N LEU A 80 -4.41 1.88 0.01
CA LEU A 80 -3.59 3.05 -0.35
C LEU A 80 -3.14 3.81 0.85
N GLY A 81 -1.83 3.99 1.09
CA GLY A 81 -1.48 4.98 2.05
C GLY A 81 -0.99 6.27 1.43
N GLN A 82 -0.50 7.17 2.29
CA GLN A 82 0.03 8.45 1.78
C GLN A 82 1.48 8.31 1.52
N ASP A 83 2.34 8.55 2.48
CA ASP A 83 3.78 8.33 2.27
C ASP A 83 4.37 7.34 3.27
N PRO A 84 5.66 6.98 3.11
CA PRO A 84 6.23 6.06 4.06
C PRO A 84 6.37 6.64 5.47
N TYR A 85 6.51 5.74 6.44
CA TYR A 85 6.86 6.11 7.79
C TYR A 85 8.25 6.75 7.68
N HIS A 86 8.54 7.78 8.47
CA HIS A 86 9.76 8.59 8.30
C HIS A 86 10.79 8.47 9.45
N GLY A 87 10.62 7.45 10.29
CA GLY A 87 11.57 7.17 11.37
C GLY A 87 12.51 6.00 11.08
N PRO A 88 13.48 5.78 11.95
CA PRO A 88 14.40 4.67 11.72
C PRO A 88 13.69 3.31 11.75
N ASN A 89 13.92 2.52 10.71
CA ASN A 89 13.60 1.12 10.63
C ASN A 89 12.14 0.81 10.48
N GLN A 90 11.32 1.83 10.27
CA GLN A 90 9.87 1.60 10.11
C GLN A 90 9.53 1.07 8.69
N ALA A 91 9.61 1.97 7.71
CA ALA A 91 9.14 1.74 6.33
C ALA A 91 9.98 0.68 5.64
N HIS A 92 9.32 -0.22 4.91
CA HIS A 92 10.05 -1.27 4.13
C HIS A 92 9.43 -1.51 2.74
N GLY A 93 8.69 -0.50 2.26
CA GLY A 93 8.27 -0.46 0.87
C GLY A 93 6.83 -0.88 0.76
N LEU A 94 6.14 -0.98 1.90
CA LEU A 94 4.68 -1.32 1.92
C LEU A 94 3.86 -0.28 2.64
N SER A 95 2.63 0.04 2.18
CA SER A 95 1.81 0.85 3.05
C SER A 95 1.54 0.14 4.39
N PHE A 96 1.54 1.00 5.44
CA PHE A 96 1.17 0.74 6.79
C PHE A 96 2.00 -0.23 7.64
N SER A 97 2.80 -1.04 6.98
CA SER A 97 3.47 -2.08 7.61
C SER A 97 4.72 -1.47 8.12
N VAL A 98 5.27 -2.09 9.16
CA VAL A 98 6.66 -1.80 9.61
C VAL A 98 7.48 -3.07 9.79
N ARG A 99 8.82 -2.93 10.01
CA ARG A 99 9.65 -4.12 10.13
C ARG A 99 9.45 -4.87 11.43
N PRO A 100 9.84 -6.16 11.45
CA PRO A 100 9.63 -6.92 12.68
C PRO A 100 10.54 -6.34 13.71
N GLY A 101 10.05 -6.35 14.96
CA GLY A 101 10.74 -5.75 16.07
C GLY A 101 10.55 -4.26 16.27
N VAL A 102 9.68 -3.64 15.48
CA VAL A 102 9.41 -2.19 15.54
C VAL A 102 8.04 -2.00 16.10
N ARG A 103 7.89 -0.95 16.91
CA ARG A 103 6.62 -0.65 17.58
C ARG A 103 5.57 -0.46 16.52
N VAL A 104 4.39 -1.00 16.78
CA VAL A 104 3.29 -0.84 15.84
C VAL A 104 2.85 0.62 15.92
N PRO A 105 2.78 1.30 14.75
CA PRO A 105 2.33 2.68 14.75
C PRO A 105 0.87 2.81 15.10
N PRO A 106 0.46 4.00 15.59
CA PRO A 106 -0.91 4.28 15.97
C PRO A 106 -2.00 3.88 14.96
N SER A 107 -1.82 4.19 13.67
CA SER A 107 -2.83 3.73 12.66
C SER A 107 -2.93 2.23 12.58
N LEU A 108 -1.81 1.49 12.59
CA LEU A 108 -1.86 0.05 12.52
C LEU A 108 -2.51 -0.63 13.78
N ARG A 109 -2.38 0.04 14.93
CA ARG A 109 -2.90 -0.46 16.18
C ARG A 109 -4.38 -0.40 16.06
N ASN A 110 -4.89 0.66 15.44
CA ASN A 110 -6.37 0.80 15.28
C ASN A 110 -6.93 -0.20 14.25
N ILE A 111 -6.26 -0.32 13.13
CA ILE A 111 -6.48 -1.43 12.17
C ILE A 111 -6.63 -2.79 12.91
N TYR A 112 -5.71 -3.08 13.81
CA TYR A 112 -5.78 -4.29 14.60
C TYR A 112 -7.05 -4.34 15.54
N LYS A 113 -7.42 -3.24 16.21
CA LYS A 113 -8.61 -3.15 17.05
C LYS A 113 -9.75 -3.48 16.18
N GLU A 114 -9.83 -2.85 15.00
CA GLU A 114 -11.02 -3.07 14.13
C GLU A 114 -11.03 -4.53 13.60
N LEU A 115 -9.87 -5.06 13.20
CA LEU A 115 -9.77 -6.46 12.80
C LEU A 115 -10.30 -7.42 13.92
N THR A 116 -9.98 -7.15 15.19
CA THR A 116 -10.39 -8.05 16.27
C THR A 116 -11.90 -8.04 16.38
N GLU A 117 -12.54 -6.92 16.05
CA GLU A 117 -14.00 -6.81 16.14
C GLU A 117 -14.66 -7.21 14.85
N ASP A 118 -13.93 -7.15 13.76
CA ASP A 118 -14.56 -7.39 12.44
C ASP A 118 -14.44 -8.83 11.98
N ILE A 119 -13.27 -9.44 12.20
CA ILE A 119 -12.99 -10.78 11.69
C ILE A 119 -13.04 -11.75 12.88
N PRO A 120 -14.12 -12.55 13.03
CA PRO A 120 -14.30 -13.35 14.24
C PRO A 120 -13.08 -14.22 14.41
N GLY A 121 -12.40 -14.14 15.54
CA GLY A 121 -11.25 -15.02 15.79
C GLY A 121 -9.96 -14.47 15.33
N PHE A 122 -9.94 -13.22 14.85
CA PHE A 122 -8.65 -12.58 14.52
C PHE A 122 -7.95 -12.29 15.83
N VAL A 123 -6.65 -12.59 15.88
CA VAL A 123 -5.81 -12.40 17.06
C VAL A 123 -4.71 -11.38 16.73
N ALA A 124 -4.68 -10.26 17.44
CA ALA A 124 -3.76 -9.19 17.17
C ALA A 124 -2.38 -9.70 17.47
N PRO A 125 -1.41 -9.50 16.56
CA PRO A 125 -0.01 -9.80 16.83
C PRO A 125 0.69 -8.65 17.53
N LYS A 126 1.91 -8.92 18.01
CA LYS A 126 2.70 -7.92 18.74
C LYS A 126 3.53 -7.11 17.76
N HIS A 127 3.60 -7.58 16.51
CA HIS A 127 4.37 -6.93 15.49
C HIS A 127 3.50 -6.25 14.49
N GLY A 128 4.14 -5.47 13.63
CA GLY A 128 3.50 -4.63 12.63
C GLY A 128 3.77 -4.97 11.19
N TYR A 129 4.26 -6.17 10.94
CA TYR A 129 4.80 -6.56 9.63
C TYR A 129 3.75 -7.26 8.80
N LEU A 130 3.41 -6.74 7.59
CA LEU A 130 2.21 -7.20 6.84
C LEU A 130 2.52 -7.91 5.49
N ARG A 131 3.74 -8.43 5.34
CA ARG A 131 4.15 -9.12 4.11
C ARG A 131 3.24 -10.28 3.72
N SER A 132 2.71 -10.97 4.72
CA SER A 132 1.71 -12.05 4.48
C SER A 132 0.40 -11.58 3.89
N TRP A 133 -0.04 -10.32 4.11
CA TRP A 133 -1.18 -9.83 3.37
C TRP A 133 -0.71 -9.58 1.94
N ALA A 134 0.46 -9.01 1.78
CA ALA A 134 1.00 -8.72 0.43
C ALA A 134 1.17 -9.99 -0.46
N GLU A 135 1.63 -11.07 0.17
CA GLU A 135 1.94 -12.33 -0.51
C GLU A 135 0.68 -13.07 -0.87
N GLN A 136 -0.45 -12.55 -0.45
CA GLN A 136 -1.76 -13.11 -0.85
C GLN A 136 -2.75 -12.08 -1.52
N GLY A 137 -2.16 -11.13 -2.22
CA GLY A 137 -2.92 -10.28 -3.15
C GLY A 137 -3.36 -8.90 -2.66
N VAL A 138 -2.97 -8.55 -1.44
CA VAL A 138 -3.23 -7.21 -0.92
C VAL A 138 -2.13 -6.25 -1.36
N LEU A 139 -2.44 -5.34 -2.31
CA LEU A 139 -1.43 -4.38 -2.81
C LEU A 139 -1.37 -3.19 -1.84
N LEU A 140 -0.23 -3.12 -1.18
CA LEU A 140 -0.04 -2.22 -0.02
C LEU A 140 0.74 -1.02 -0.54
N LEU A 141 0.02 -0.18 -1.27
CA LEU A 141 0.58 0.87 -2.11
C LEU A 141 0.50 2.21 -1.38
N ASN A 142 1.64 2.81 -1.13
CA ASN A 142 1.62 4.26 -0.84
C ASN A 142 1.53 5.15 -2.09
N ALA A 143 0.95 6.36 -1.95
CA ALA A 143 0.86 7.28 -3.04
C ALA A 143 2.23 7.87 -3.29
N VAL A 144 2.99 8.00 -2.25
CA VAL A 144 4.37 8.55 -2.37
C VAL A 144 5.34 7.53 -1.80
N LEU A 145 6.40 7.16 -2.55
CA LEU A 145 7.16 5.96 -2.17
C LEU A 145 8.43 6.20 -1.41
N THR A 146 8.79 7.47 -1.24
CA THR A 146 9.95 7.84 -0.45
C THR A 146 9.71 9.08 0.42
N VAL A 147 10.64 9.32 1.35
CA VAL A 147 10.57 10.42 2.34
C VAL A 147 11.93 10.74 2.97
N ARG A 148 12.15 12.01 3.30
CA ARG A 148 13.27 12.40 4.18
C ARG A 148 12.98 12.02 5.64
N ALA A 149 13.97 11.42 6.30
CA ALA A 149 13.91 11.16 7.75
C ALA A 149 13.35 12.39 8.50
N GLY A 150 12.47 12.17 9.45
CA GLY A 150 11.91 13.27 10.25
C GLY A 150 10.87 14.17 9.59
N GLN A 151 10.67 14.08 8.25
CA GLN A 151 9.88 15.10 7.50
C GLN A 151 8.69 14.56 6.63
N ALA A 152 7.50 14.41 7.21
CA ALA A 152 6.36 13.95 6.43
C ALA A 152 6.04 14.83 5.22
N ASN A 153 5.63 14.15 4.16
CA ASN A 153 5.37 14.71 2.85
C ASN A 153 6.49 15.47 2.18
N SER A 154 7.76 15.24 2.56
CA SER A 154 8.84 15.94 1.93
C SER A 154 9.12 15.61 0.44
N HIS A 155 8.65 14.44 -0.05
CA HIS A 155 8.77 14.10 -1.46
C HIS A 155 7.41 14.12 -2.17
N GLN A 156 6.42 14.77 -1.56
CA GLN A 156 5.18 15.05 -2.23
C GLN A 156 5.40 15.89 -3.51
N GLY A 157 4.64 15.59 -4.58
CA GLY A 157 4.72 16.29 -5.87
C GLY A 157 6.10 16.37 -6.57
N LYS A 158 6.91 15.32 -6.43
CA LYS A 158 8.20 15.17 -7.13
C LYS A 158 8.13 14.15 -8.29
N GLY A 159 6.94 13.59 -8.51
CA GLY A 159 6.77 12.55 -9.50
C GLY A 159 6.19 11.22 -9.06
N TRP A 160 6.18 10.89 -7.75
CA TRP A 160 5.65 9.60 -7.31
C TRP A 160 4.20 9.51 -7.55
N GLU A 161 3.50 10.62 -7.48
CA GLU A 161 2.02 10.55 -7.65
C GLU A 161 1.61 10.23 -9.10
N HIS A 162 2.37 10.69 -10.09
CA HIS A 162 2.11 10.26 -11.48
C HIS A 162 2.30 8.73 -11.60
N PHE A 163 3.32 8.23 -10.94
CA PHE A 163 3.66 6.83 -10.98
C PHE A 163 2.64 5.94 -10.32
N THR A 164 2.26 6.30 -9.08
CA THR A 164 1.28 5.52 -8.32
C THR A 164 -0.15 5.68 -8.85
N ASP A 165 -0.49 6.83 -9.44
CA ASP A 165 -1.72 6.91 -10.24
C ASP A 165 -1.71 5.90 -11.39
N ALA A 166 -0.60 5.74 -12.07
CA ALA A 166 -0.50 4.77 -13.14
C ALA A 166 -0.54 3.35 -12.60
N VAL A 167 0.05 3.06 -11.40
CA VAL A 167 -0.15 1.72 -10.75
C VAL A 167 -1.66 1.52 -10.55
N ILE A 168 -2.30 2.51 -9.94
CA ILE A 168 -3.75 2.47 -9.70
C ILE A 168 -4.55 2.23 -10.99
N LYS A 169 -4.35 3.02 -12.04
CA LYS A 169 -5.07 2.78 -13.33
C LYS A 169 -4.81 1.37 -13.94
N ALA A 170 -3.60 0.85 -13.84
CA ALA A 170 -3.36 -0.52 -14.29
C ALA A 170 -4.10 -1.59 -13.53
N VAL A 171 -4.40 -1.33 -12.25
CA VAL A 171 -5.10 -2.26 -11.43
C VAL A 171 -6.58 -2.12 -11.82
N ASN A 172 -7.01 -0.89 -12.04
CA ASN A 172 -8.39 -0.60 -12.49
C ASN A 172 -8.73 -1.25 -13.88
N ALA A 173 -7.71 -1.35 -14.71
CA ALA A 173 -7.80 -1.97 -16.04
C ALA A 173 -8.12 -3.50 -16.02
N LYS A 174 -7.84 -4.17 -14.90
CA LYS A 174 -8.09 -5.60 -14.74
C LYS A 174 -9.56 -5.87 -14.91
N GLU A 175 -9.89 -7.01 -15.52
CA GLU A 175 -11.29 -7.44 -15.64
C GLU A 175 -11.81 -7.97 -14.31
N GLU A 176 -10.96 -8.73 -13.64
CA GLU A 176 -11.32 -9.38 -12.39
C GLU A 176 -11.38 -8.36 -11.23
N ARG A 177 -12.43 -8.53 -10.44
CA ARG A 177 -12.75 -7.71 -9.29
C ARG A 177 -11.62 -7.42 -8.41
N VAL A 178 -11.41 -6.14 -8.16
CA VAL A 178 -10.48 -5.65 -7.14
C VAL A 178 -11.26 -4.73 -6.19
N VAL A 179 -10.98 -4.89 -4.89
CA VAL A 179 -11.53 -4.05 -3.86
C VAL A 179 -10.45 -3.01 -3.55
N PHE A 180 -10.83 -1.75 -3.74
CA PHE A 180 -10.03 -0.58 -3.46
C PHE A 180 -10.51 -0.05 -2.10
N ILE A 181 -9.65 -0.11 -1.12
CA ILE A 181 -9.93 0.40 0.25
C ILE A 181 -9.29 1.79 0.37
N LEU A 182 -10.14 2.79 0.45
CA LEU A 182 -9.75 4.21 0.47
C LEU A 182 -10.10 4.80 1.85
N TRP A 183 -9.10 5.00 2.65
CA TRP A 183 -9.23 5.46 4.02
C TRP A 183 -8.71 6.87 4.05
N GLY A 184 -9.58 7.80 4.43
CA GLY A 184 -9.13 9.19 4.65
C GLY A 184 -9.17 10.04 3.38
N SER A 185 -9.21 11.33 3.55
CA SER A 185 -9.33 12.31 2.46
C SER A 185 -8.34 12.29 1.30
N TYR A 186 -7.04 12.07 1.53
CA TYR A 186 -6.12 11.92 0.39
C TYR A 186 -6.52 10.76 -0.48
N ALA A 187 -6.72 9.62 0.16
CA ALA A 187 -6.93 8.38 -0.59
C ALA A 187 -8.22 8.48 -1.36
N ARG A 188 -9.23 9.07 -0.77
CA ARG A 188 -10.54 9.08 -1.36
C ARG A 188 -10.61 9.94 -2.65
N LYS A 189 -9.62 10.80 -2.85
CA LYS A 189 -9.48 11.53 -4.13
C LYS A 189 -9.23 10.61 -5.40
N LYS A 190 -8.78 9.38 -5.16
CA LYS A 190 -8.60 8.36 -6.21
C LYS A 190 -9.88 7.62 -6.61
N LYS A 191 -10.98 7.90 -5.93
CA LYS A 191 -12.17 7.17 -6.23
C LYS A 191 -12.49 7.35 -7.74
N LYS A 192 -12.17 8.53 -8.28
CA LYS A 192 -12.52 8.88 -9.69
C LYS A 192 -11.85 7.99 -10.73
N LEU A 193 -10.66 7.51 -10.37
CA LEU A 193 -9.89 6.62 -11.19
C LEU A 193 -10.43 5.19 -11.25
N ILE A 194 -11.27 4.82 -10.30
CA ILE A 194 -11.82 3.48 -10.25
C ILE A 194 -13.10 3.45 -11.06
N THR A 195 -13.00 3.04 -12.33
CA THR A 195 -14.15 2.99 -13.26
C THR A 195 -14.57 1.57 -13.68
N GLY A 196 -13.71 0.58 -13.48
CA GLY A 196 -13.98 -0.78 -13.94
C GLY A 196 -15.29 -1.30 -13.38
N LYS A 197 -16.08 -1.96 -14.22
CA LYS A 197 -17.43 -2.39 -13.81
C LYS A 197 -17.42 -3.38 -12.63
N ASN A 198 -16.45 -4.29 -12.60
CA ASN A 198 -16.40 -5.30 -11.55
C ASN A 198 -15.73 -4.84 -10.27
N HIS A 199 -15.23 -3.61 -10.18
CA HIS A 199 -14.51 -3.21 -8.97
C HIS A 199 -15.38 -2.63 -7.89
N VAL A 200 -14.83 -2.64 -6.68
CA VAL A 200 -15.53 -2.21 -5.49
C VAL A 200 -14.64 -1.19 -4.77
N VAL A 201 -15.27 -0.11 -4.32
CA VAL A 201 -14.61 0.91 -3.53
C VAL A 201 -15.21 0.85 -2.11
N ILE A 202 -14.34 0.62 -1.15
CA ILE A 202 -14.72 0.65 0.26
C ILE A 202 -14.06 1.90 0.85
N GLU A 203 -14.88 2.82 1.31
CA GLU A 203 -14.36 4.11 1.78
C GLU A 203 -14.75 4.43 3.22
N SER A 204 -13.85 5.08 3.94
CA SER A 204 -14.17 5.53 5.29
C SER A 204 -13.12 6.54 5.75
N GLY A 205 -13.26 7.09 6.96
CA GLY A 205 -12.15 7.85 7.56
C GLY A 205 -10.99 6.98 7.82
N HIS A 206 -9.89 7.66 8.09
CA HIS A 206 -8.61 7.06 8.20
C HIS A 206 -8.47 6.43 9.60
N PRO A 207 -7.84 5.25 9.70
CA PRO A 207 -7.53 4.61 11.02
C PRO A 207 -6.73 5.44 11.95
N SER A 208 -6.31 6.64 11.56
CA SER A 208 -5.37 7.45 12.38
C SER A 208 -6.11 7.84 13.63
N PRO A 209 -5.41 7.89 14.77
CA PRO A 209 -6.04 8.38 16.01
C PRO A 209 -6.72 9.77 15.87
N LEU A 210 -6.32 10.60 14.92
CA LEU A 210 -7.00 11.89 14.68
C LEU A 210 -8.37 11.72 14.13
N SER A 211 -8.61 10.60 13.46
CA SER A 211 -9.88 10.39 12.76
C SER A 211 -10.57 9.07 13.08
N GLU A 212 -10.23 8.44 14.21
CA GLU A 212 -10.56 7.01 14.45
C GLU A 212 -12.06 6.77 14.58
N GLN A 213 -12.85 7.77 14.97
CA GLN A 213 -14.32 7.58 15.13
C GLN A 213 -15.02 7.43 13.79
N TYR A 214 -14.35 7.84 12.73
CA TYR A 214 -14.84 7.62 11.37
C TYR A 214 -14.27 6.37 10.70
N PHE A 215 -13.55 5.55 11.49
CA PHE A 215 -12.95 4.30 11.04
C PHE A 215 -13.47 3.11 11.81
N PHE A 216 -13.59 3.19 13.13
CA PHE A 216 -14.12 2.07 13.91
C PHE A 216 -15.56 1.77 13.54
N GLY A 217 -15.95 0.49 13.50
CA GLY A 217 -17.31 0.06 13.13
C GLY A 217 -17.59 0.00 11.64
N THR A 218 -16.59 0.37 10.84
CA THR A 218 -16.76 0.36 9.37
C THR A 218 -16.61 -1.02 8.71
N ARG A 219 -15.96 -1.97 9.37
CA ARG A 219 -15.90 -3.35 8.92
C ARG A 219 -15.37 -3.48 7.50
N PRO A 220 -14.24 -2.84 7.21
CA PRO A 220 -13.76 -2.88 5.84
C PRO A 220 -13.26 -4.29 5.41
N PHE A 221 -12.84 -5.08 6.41
CA PHE A 221 -12.11 -6.35 6.19
C PHE A 221 -13.09 -7.47 5.86
N SER A 222 -14.19 -7.54 6.60
CA SER A 222 -15.35 -8.36 6.21
C SER A 222 -16.07 -7.91 4.92
N LYS A 223 -16.34 -6.62 4.72
CA LYS A 223 -16.91 -6.15 3.42
C LYS A 223 -16.01 -6.50 2.23
N THR A 224 -14.70 -6.38 2.39
CA THR A 224 -13.76 -6.76 1.36
C THR A 224 -14.02 -8.26 0.98
N ASN A 225 -13.98 -9.14 2.00
CA ASN A 225 -14.04 -10.59 1.74
C ASN A 225 -15.40 -10.96 1.18
N GLU A 226 -16.41 -10.21 1.57
CA GLU A 226 -17.75 -10.44 1.07
C GLU A 226 -17.83 -10.06 -0.41
N ALA A 227 -17.16 -8.98 -0.78
CA ALA A 227 -17.19 -8.51 -2.16
C ALA A 227 -16.45 -9.48 -3.08
N LEU A 228 -15.29 -9.91 -2.63
CA LEU A 228 -14.50 -10.88 -3.38
C LEU A 228 -15.35 -12.14 -3.60
N GLU A 229 -15.91 -12.67 -2.51
CA GLU A 229 -16.73 -13.88 -2.57
C GLU A 229 -17.86 -13.79 -3.57
N LYS A 230 -18.51 -12.62 -3.68
CA LYS A 230 -19.60 -12.42 -4.65
C LYS A 230 -19.11 -12.56 -6.10
N ALA A 231 -17.90 -12.09 -6.37
CA ALA A 231 -17.32 -12.15 -7.70
C ALA A 231 -16.60 -13.46 -7.99
N GLY A 232 -16.74 -14.43 -7.09
CA GLY A 232 -16.12 -15.74 -7.25
C GLY A 232 -14.64 -15.77 -6.92
N ARG A 233 -14.17 -14.72 -6.27
CA ARG A 233 -12.77 -14.66 -5.87
C ARG A 233 -12.58 -15.20 -4.46
N GLY A 234 -11.36 -15.52 -4.12
CA GLY A 234 -11.11 -16.03 -2.77
C GLY A 234 -10.92 -14.90 -1.78
N PRO A 235 -11.39 -15.10 -0.52
CA PRO A 235 -11.23 -14.08 0.52
C PRO A 235 -9.77 -13.93 0.95
N VAL A 236 -9.46 -12.80 1.58
CA VAL A 236 -8.11 -12.62 2.18
C VAL A 236 -8.22 -13.25 3.56
N GLU A 237 -7.18 -13.98 3.93
CA GLU A 237 -6.97 -14.43 5.30
C GLU A 237 -6.22 -13.33 6.02
N TRP A 238 -6.94 -12.53 6.79
CA TRP A 238 -6.37 -11.34 7.43
C TRP A 238 -5.49 -11.66 8.65
N GLN A 239 -5.62 -12.86 9.23
CA GLN A 239 -4.75 -13.28 10.33
C GLN A 239 -3.30 -13.20 9.97
N LEU A 240 -2.55 -12.56 10.85
CA LEU A 240 -1.11 -12.48 10.70
C LEU A 240 -0.41 -13.57 11.49
N PRO A 241 0.77 -14.02 11.01
CA PRO A 241 1.53 -14.93 11.87
C PRO A 241 1.84 -14.29 13.21
N ALA A 242 1.99 -15.13 14.24
CA ALA A 242 2.20 -14.66 15.60
C ALA A 242 3.58 -14.08 15.75
N THR A 243 4.53 -14.70 15.06
CA THR A 243 5.94 -14.27 15.03
C THR A 243 6.43 -14.25 13.56
N VAL A 244 7.34 -13.32 13.26
CA VAL A 244 7.84 -13.10 11.90
C VAL A 244 9.34 -12.93 11.97
N THR A 245 10.20 -13.34 10.93
CA THR A 245 9.99 -13.67 9.54
C THR A 245 10.44 -12.63 8.38
N GLU A 246 11.54 -11.88 8.73
CA GLU A 246 12.30 -11.15 7.86
C GLU A 246 13.62 -11.88 7.59
N NO3 B . 1.65 4.52 5.25
O1 NO3 B . 1.05 3.50 4.76
O2 NO3 B . 2.94 4.41 5.78
O3 NO3 B . 1.06 5.76 5.07
N NO3 C . -12.11 11.43 4.65
O1 NO3 C . -12.08 10.16 5.09
O2 NO3 C . -11.16 12.24 5.17
O3 NO3 C . -12.94 11.89 3.67
N NO3 D . 15.96 5.95 -4.75
O1 NO3 D . 15.94 5.59 -6.05
O2 NO3 D . 17.09 6.61 -4.32
O3 NO3 D . 14.99 5.63 -3.94
#